data_5EYT
#
_entry.id   5EYT
#
_cell.length_a   70.466
_cell.length_b   73.114
_cell.length_c   180.280
_cell.angle_alpha   90.000
_cell.angle_beta   90.000
_cell.angle_gamma   90.000
#
_symmetry.space_group_name_H-M   'I 2 2 2'
#
loop_
_entity.id
_entity.type
_entity.pdbx_description
1 polymer 'Adenylosuccinate lyase'
2 non-polymer 'ADENOSINE MONOPHOSPHATE'
3 water water
#
_entity_poly.entity_id   1
_entity_poly.type   'polypeptide(L)'
_entity_poly.pdbx_seq_one_letter_code
;MAHHHHHHSSGLEVLFQMDEFEEYRNPLTKRYASREMVCNFGEKRKVILWRQLWIWLAETQKELGFDITDEQINEMKSQR
DSVDFGTAAAEEKARRHDVMAHVYTFALACPKAAPIIHLGATSCFVGDNADLIMLKDGLNILLPKVARCIDRLAKKAMLH
KSLICLARTHLQPAQPTTMGRRICMWIQDLLLDLENLERLKNHTIRFRGAKGAVGTQASFMDLFQGDHQKVIKLDEILTK
KSGFQRSWCVTGQTYPRKVDIEITNALSNIGATVHKICTDIRLLSSFHEVEEPFETKQIGSSAMPYKRNPIRSERACSLA
RYLMHISTSMVSTVSVQWLERSLDDSAIRRIVLPEAFLAADACLTLLQNIAEGLIVYPMVMEANLNSELPFLVVERILVK
MVSEGAANRQECHERLRKHSHEAAAEIKLKGLKNSLMDKLLNDYYFAPIHSLLPTVLDPSYMIGRAVEQVEVFLNTEVDP
AIHSYKDCLALNSNITI
;
_entity_poly.pdbx_strand_id   A
#
loop_
_chem_comp.id
_chem_comp.type
_chem_comp.name
_chem_comp.formula
AMP non-polymer 'ADENOSINE MONOPHOSPHATE' 'C10 H14 N5 O7 P'
#
# COMPACT_ATOMS: atom_id res chain seq x y z
N GLU A 20 13.13 -23.26 -17.67
CA GLU A 20 12.41 -22.07 -17.23
C GLU A 20 11.09 -22.45 -16.57
N PHE A 21 10.57 -23.64 -16.92
CA PHE A 21 9.38 -24.18 -16.30
C PHE A 21 9.66 -25.35 -15.37
N GLU A 22 10.88 -25.89 -15.38
CA GLU A 22 11.19 -26.99 -14.47
C GLU A 22 11.43 -26.52 -13.05
N GLU A 23 11.85 -25.28 -12.86
CA GLU A 23 12.12 -24.73 -11.54
C GLU A 23 10.92 -23.95 -11.02
N TYR A 24 10.72 -23.98 -9.71
CA TYR A 24 9.66 -23.19 -9.09
C TYR A 24 9.89 -21.71 -9.37
N ARG A 25 8.91 -21.08 -9.98
CA ARG A 25 8.95 -19.65 -10.28
C ARG A 25 8.06 -18.92 -9.27
N ASN A 26 8.66 -18.02 -8.50
CA ASN A 26 7.92 -17.25 -7.50
C ASN A 26 6.83 -16.43 -8.20
N PRO A 27 5.55 -16.63 -7.86
CA PRO A 27 4.48 -15.98 -8.63
C PRO A 27 4.51 -14.47 -8.57
N LEU A 28 5.09 -13.88 -7.52
CA LEU A 28 5.19 -12.42 -7.46
C LEU A 28 5.98 -11.88 -8.65
N THR A 29 7.11 -12.49 -8.96
CA THR A 29 7.98 -11.99 -10.03
C THR A 29 7.43 -12.32 -11.41
N LYS A 30 6.66 -13.39 -11.55
CA LYS A 30 6.24 -13.87 -12.87
C LYS A 30 4.78 -13.59 -13.19
N ARG A 31 3.92 -13.44 -12.18
CA ARG A 31 2.49 -13.43 -12.41
C ARG A 31 1.76 -12.19 -11.90
N TYR A 32 2.26 -11.55 -10.85
CA TYR A 32 1.48 -10.52 -10.15
C TYR A 32 2.12 -9.14 -10.18
N ALA A 33 3.41 -9.04 -9.86
CA ALA A 33 4.01 -7.71 -9.71
C ALA A 33 4.43 -7.14 -11.06
N SER A 34 4.54 -5.81 -11.10
CA SER A 34 4.84 -5.11 -12.34
C SER A 34 6.28 -5.34 -12.76
N ARG A 35 6.54 -5.08 -14.05
CA ARG A 35 7.87 -5.29 -14.61
C ARG A 35 8.91 -4.42 -13.91
N GLU A 36 8.61 -3.15 -13.70
CA GLU A 36 9.63 -2.24 -13.18
C GLU A 36 9.96 -2.52 -11.72
N MET A 37 8.99 -2.97 -10.93
CA MET A 37 9.28 -3.31 -9.54
C MET A 37 10.13 -4.58 -9.45
N VAL A 38 9.89 -5.54 -10.35
CA VAL A 38 10.71 -6.74 -10.38
C VAL A 38 12.15 -6.39 -10.72
N CYS A 39 12.35 -5.51 -11.71
CA CYS A 39 13.68 -5.10 -12.10
C CYS A 39 14.33 -4.17 -11.10
N ASN A 40 13.54 -3.54 -10.22
CA ASN A 40 14.11 -2.66 -9.21
C ASN A 40 14.99 -3.42 -8.21
N PHE A 41 14.78 -4.72 -8.06
CA PHE A 41 15.56 -5.54 -7.14
C PHE A 41 16.37 -6.62 -7.84
N GLY A 42 16.53 -6.55 -9.16
CA GLY A 42 17.35 -7.51 -9.85
C GLY A 42 18.82 -7.36 -9.51
N GLU A 43 19.56 -8.46 -9.69
CA GLU A 43 20.97 -8.46 -9.29
C GLU A 43 21.79 -7.53 -10.17
N LYS A 44 21.46 -7.44 -11.46
CA LYS A 44 22.14 -6.50 -12.34
C LYS A 44 21.98 -5.08 -11.85
N ARG A 45 20.75 -4.69 -11.49
CA ARG A 45 20.50 -3.36 -10.94
C ARG A 45 21.31 -3.14 -9.67
N LYS A 46 21.48 -4.19 -8.86
CA LYS A 46 22.19 -4.05 -7.59
C LYS A 46 23.68 -3.79 -7.80
N VAL A 47 24.31 -4.59 -8.66
CA VAL A 47 25.75 -4.43 -8.87
C VAL A 47 26.06 -3.12 -9.58
N ILE A 48 25.16 -2.65 -10.45
CA ILE A 48 25.32 -1.32 -11.03
C ILE A 48 25.34 -0.26 -9.93
N LEU A 49 24.48 -0.40 -8.94
CA LEU A 49 24.52 0.50 -7.79
C LEU A 49 25.81 0.34 -7.00
N TRP A 50 26.27 -0.91 -6.84
CA TRP A 50 27.55 -1.15 -6.17
C TRP A 50 28.67 -0.43 -6.90
N ARG A 51 28.71 -0.55 -8.22
CA ARG A 51 29.76 0.11 -9.00
C ARG A 51 29.58 1.62 -9.01
N GLN A 52 28.33 2.10 -9.00
CA GLN A 52 28.11 3.54 -8.93
C GLN A 52 28.57 4.11 -7.60
N LEU A 53 28.45 3.36 -6.51
CA LEU A 53 28.89 3.84 -5.21
C LEU A 53 30.42 3.86 -5.13
N TRP A 54 31.08 2.86 -5.70
CA TRP A 54 32.53 2.89 -5.78
C TRP A 54 33.01 4.07 -6.63
N ILE A 55 32.25 4.44 -7.65
CA ILE A 55 32.58 5.62 -8.45
C ILE A 55 32.45 6.88 -7.62
N TRP A 56 31.30 7.05 -6.94
CA TRP A 56 31.09 8.20 -6.09
C TRP A 56 32.13 8.27 -4.97
N LEU A 57 32.51 7.10 -4.43
CA LEU A 57 33.54 7.06 -3.41
C LEU A 57 34.87 7.60 -3.96
N ALA A 58 35.26 7.14 -5.15
CA ALA A 58 36.51 7.62 -5.74
C ALA A 58 36.40 9.08 -6.15
N GLU A 59 35.26 9.50 -6.72
CA GLU A 59 35.08 10.89 -7.06
C GLU A 59 35.17 11.79 -5.83
N THR A 60 34.56 11.37 -4.72
CA THR A 60 34.61 12.16 -3.51
C THR A 60 36.00 12.15 -2.89
N GLN A 61 36.64 10.97 -2.84
CA GLN A 61 37.98 10.89 -2.28
C GLN A 61 38.98 11.70 -3.10
N LYS A 62 38.82 11.71 -4.43
CA LYS A 62 39.74 12.46 -5.28
C LYS A 62 39.62 13.95 -5.04
N GLU A 63 38.39 14.46 -4.99
CA GLU A 63 38.17 15.89 -4.75
C GLU A 63 38.36 16.28 -3.28
N LEU A 64 38.76 15.36 -2.43
CA LEU A 64 39.02 15.64 -1.02
C LEU A 64 40.51 15.65 -0.71
N GLY A 65 41.37 15.49 -1.71
CA GLY A 65 42.79 15.52 -1.53
C GLY A 65 43.49 14.20 -1.80
N PHE A 66 42.77 13.11 -1.96
CA PHE A 66 43.40 11.82 -2.20
C PHE A 66 43.81 11.68 -3.66
N ASP A 67 44.90 10.94 -3.88
CA ASP A 67 45.52 10.83 -5.20
C ASP A 67 44.79 9.73 -5.98
N ILE A 68 43.71 10.12 -6.65
CA ILE A 68 42.97 9.24 -7.55
C ILE A 68 42.79 10.00 -8.86
N THR A 69 43.50 9.57 -9.90
CA THR A 69 43.44 10.26 -11.18
C THR A 69 42.10 10.02 -11.86
N ASP A 70 41.60 11.06 -12.55
CA ASP A 70 40.32 10.94 -13.23
C ASP A 70 40.35 9.90 -14.34
N GLU A 71 41.56 9.53 -14.81
CA GLU A 71 41.65 8.41 -15.75
C GLU A 71 41.19 7.12 -15.10
N GLN A 72 41.49 6.94 -13.81
CA GLN A 72 40.96 5.79 -13.07
C GLN A 72 39.45 5.89 -12.90
N ILE A 73 38.95 7.11 -12.64
CA ILE A 73 37.52 7.29 -12.37
C ILE A 73 36.70 7.03 -13.63
N ASN A 74 37.15 7.55 -14.78
CA ASN A 74 36.41 7.35 -16.01
C ASN A 74 36.51 5.92 -16.53
N GLU A 75 37.52 5.17 -16.11
CA GLU A 75 37.58 3.75 -16.46
C GLU A 75 36.49 2.97 -15.73
N MET A 76 36.26 3.30 -14.46
CA MET A 76 35.12 2.72 -13.75
C MET A 76 33.81 3.17 -14.36
N LYS A 77 33.76 4.40 -14.88
CA LYS A 77 32.55 4.92 -15.51
C LYS A 77 32.26 4.19 -16.83
N SER A 78 33.30 3.93 -17.62
CA SER A 78 33.10 3.36 -18.95
C SER A 78 32.47 1.97 -18.87
N GLN A 79 32.90 1.16 -17.91
CA GLN A 79 32.34 -0.19 -17.76
C GLN A 79 31.70 -0.38 -16.41
N ARG A 80 30.74 0.51 -16.08
CA ARG A 80 29.86 0.31 -14.94
C ARG A 80 28.67 -0.58 -15.28
N ASP A 81 28.15 -0.47 -16.49
CA ASP A 81 26.93 -1.16 -16.89
C ASP A 81 27.18 -2.55 -17.47
N SER A 82 28.43 -2.93 -17.68
CA SER A 82 28.77 -4.24 -18.24
C SER A 82 29.37 -5.10 -17.12
N VAL A 83 28.55 -5.98 -16.56
CA VAL A 83 28.94 -6.82 -15.43
C VAL A 83 29.14 -8.24 -15.93
N ASP A 84 30.34 -8.78 -15.72
CA ASP A 84 30.65 -10.16 -16.06
C ASP A 84 30.19 -11.04 -14.90
N PHE A 85 28.93 -11.45 -14.95
CA PHE A 85 28.39 -12.31 -13.90
C PHE A 85 29.03 -13.69 -13.90
N GLY A 86 29.58 -14.14 -15.02
CA GLY A 86 30.30 -15.40 -15.03
C GLY A 86 31.54 -15.36 -14.15
N THR A 87 32.28 -14.25 -14.20
CA THR A 87 33.44 -14.10 -13.32
C THR A 87 33.00 -13.91 -11.87
N ALA A 88 31.95 -13.14 -11.64
CA ALA A 88 31.52 -12.86 -10.26
C ALA A 88 31.08 -14.13 -9.55
N ALA A 89 30.33 -14.99 -10.24
CA ALA A 89 29.91 -16.25 -9.62
C ALA A 89 31.11 -17.13 -9.32
N ALA A 90 32.09 -17.16 -10.23
CA ALA A 90 33.30 -17.94 -9.97
C ALA A 90 34.11 -17.35 -8.82
N GLU A 91 34.17 -16.02 -8.74
CA GLU A 91 34.87 -15.39 -7.62
C GLU A 91 34.16 -15.66 -6.30
N GLU A 92 32.82 -15.63 -6.31
CA GLU A 92 32.08 -15.84 -5.06
C GLU A 92 32.24 -17.27 -4.55
N LYS A 93 32.28 -18.25 -5.46
CA LYS A 93 32.45 -19.63 -5.03
C LYS A 93 33.81 -19.88 -4.41
N ALA A 94 34.83 -19.13 -4.84
CA ALA A 94 36.17 -19.29 -4.30
C ALA A 94 36.46 -18.37 -3.13
N ARG A 95 35.77 -17.24 -3.03
CA ARG A 95 35.97 -16.30 -1.93
C ARG A 95 34.89 -16.38 -0.87
N ARG A 96 33.73 -16.96 -1.19
CA ARG A 96 32.61 -17.08 -0.25
C ARG A 96 32.19 -15.72 0.29
N HIS A 97 32.24 -14.70 -0.58
CA HIS A 97 31.89 -13.34 -0.22
C HIS A 97 31.38 -12.63 -1.47
N ASP A 98 30.11 -12.22 -1.45
CA ASP A 98 29.49 -11.72 -2.67
C ASP A 98 29.99 -10.33 -3.03
N VAL A 99 30.14 -9.44 -2.04
CA VAL A 99 30.64 -8.10 -2.32
C VAL A 99 32.08 -8.16 -2.81
N MET A 100 32.93 -8.87 -2.08
CA MET A 100 34.33 -9.00 -2.48
C MET A 100 34.47 -9.65 -3.85
N ALA A 101 33.57 -10.57 -4.20
CA ALA A 101 33.59 -11.15 -5.53
C ALA A 101 33.37 -10.09 -6.60
N HIS A 102 32.49 -9.12 -6.33
CA HIS A 102 32.24 -8.05 -7.29
C HIS A 102 33.25 -6.90 -7.15
N VAL A 103 33.99 -6.83 -6.05
CA VAL A 103 35.13 -5.93 -5.98
C VAL A 103 36.20 -6.38 -6.96
N TYR A 104 36.59 -7.65 -6.90
CA TYR A 104 37.62 -8.17 -7.78
C TYR A 104 37.15 -8.28 -9.22
N THR A 105 35.87 -8.56 -9.44
CA THR A 105 35.33 -8.59 -10.80
C THR A 105 35.39 -7.20 -11.43
N PHE A 106 34.96 -6.18 -10.69
CA PHE A 106 35.10 -4.80 -11.16
C PHE A 106 36.57 -4.41 -11.26
N ALA A 107 37.43 -4.97 -10.41
CA ALA A 107 38.84 -4.66 -10.48
C ALA A 107 39.49 -5.26 -11.71
N LEU A 108 39.07 -6.47 -12.10
CA LEU A 108 39.62 -7.08 -13.30
C LEU A 108 39.21 -6.31 -14.55
N ALA A 109 37.98 -5.80 -14.57
CA ALA A 109 37.51 -4.97 -15.68
C ALA A 109 38.11 -3.57 -15.65
N CYS A 110 38.68 -3.15 -14.52
CA CYS A 110 39.26 -1.81 -14.37
C CYS A 110 40.68 -1.94 -13.85
N PRO A 111 41.64 -2.31 -14.70
CA PRO A 111 43.03 -2.45 -14.23
C PRO A 111 43.62 -1.13 -13.75
N LYS A 112 43.30 -0.02 -14.42
CA LYS A 112 43.84 1.28 -14.00
C LYS A 112 43.36 1.64 -12.61
N ALA A 113 42.08 1.49 -12.35
CA ALA A 113 41.47 1.93 -11.09
C ALA A 113 41.42 0.86 -10.03
N ALA A 114 41.94 -0.34 -10.29
CA ALA A 114 41.85 -1.44 -9.35
C ALA A 114 42.40 -1.13 -7.96
N PRO A 115 43.58 -0.50 -7.80
CA PRO A 115 44.11 -0.31 -6.44
C PRO A 115 43.28 0.61 -5.56
N ILE A 116 42.39 1.43 -6.12
CA ILE A 116 41.63 2.41 -5.35
C ILE A 116 40.16 2.06 -5.22
N ILE A 117 39.71 0.95 -5.82
CA ILE A 117 38.33 0.52 -5.67
C ILE A 117 38.10 0.08 -4.23
N HIS A 118 36.97 0.50 -3.66
CA HIS A 118 36.55 0.07 -2.31
C HIS A 118 37.58 0.49 -1.27
N LEU A 119 38.24 1.63 -1.48
CA LEU A 119 39.33 2.05 -0.63
C LEU A 119 38.80 2.57 0.70
N GLY A 120 39.22 1.94 1.80
CA GLY A 120 38.86 2.37 3.14
C GLY A 120 37.48 1.98 3.60
N ALA A 121 36.65 1.41 2.74
CA ALA A 121 35.29 1.05 3.09
C ALA A 121 35.17 -0.44 3.35
N THR A 122 34.04 -0.82 3.92
CA THR A 122 33.68 -2.22 4.12
C THR A 122 32.53 -2.59 3.20
N SER A 123 32.25 -3.91 3.14
CA SER A 123 31.25 -4.41 2.20
C SER A 123 29.88 -3.77 2.43
N CYS A 124 29.59 -3.34 3.66
CA CYS A 124 28.31 -2.68 3.92
C CYS A 124 28.23 -1.29 3.31
N PHE A 125 29.35 -0.72 2.85
CA PHE A 125 29.28 0.58 2.18
C PHE A 125 28.45 0.48 0.90
N VAL A 126 28.69 -0.56 0.11
CA VAL A 126 27.87 -0.81 -1.07
C VAL A 126 26.63 -1.62 -0.72
N GLY A 127 26.74 -2.55 0.23
CA GLY A 127 25.62 -3.39 0.61
C GLY A 127 24.45 -2.60 1.16
N ASP A 128 24.69 -1.80 2.19
CA ASP A 128 23.60 -1.08 2.83
C ASP A 128 23.15 0.13 2.02
N ASN A 129 24.10 0.87 1.43
CA ASN A 129 23.72 2.08 0.71
C ASN A 129 22.93 1.76 -0.55
N ALA A 130 23.30 0.68 -1.26
CA ALA A 130 22.53 0.30 -2.44
C ALA A 130 21.16 -0.23 -2.07
N ASP A 131 21.03 -0.89 -0.91
CA ASP A 131 19.72 -1.30 -0.44
C ASP A 131 18.83 -0.10 -0.21
N LEU A 132 19.36 0.92 0.46
CA LEU A 132 18.59 2.12 0.74
C LEU A 132 18.17 2.83 -0.54
N ILE A 133 19.03 2.80 -1.57
CA ILE A 133 18.66 3.36 -2.86
C ILE A 133 17.55 2.55 -3.50
N MET A 134 17.67 1.21 -3.45
CA MET A 134 16.62 0.36 -4.01
C MET A 134 15.32 0.48 -3.22
N LEU A 135 15.41 0.57 -1.90
CA LEU A 135 14.21 0.73 -1.09
C LEU A 135 13.53 2.07 -1.36
N LYS A 136 14.32 3.14 -1.46
CA LYS A 136 13.74 4.44 -1.78
C LYS A 136 13.11 4.45 -3.16
N ASP A 137 13.79 3.86 -4.15
CA ASP A 137 13.22 3.79 -5.49
C ASP A 137 11.98 2.91 -5.52
N GLY A 138 11.90 1.91 -4.65
CA GLY A 138 10.69 1.11 -4.56
C GLY A 138 9.49 1.92 -4.10
N LEU A 139 9.72 2.82 -3.13
CA LEU A 139 8.64 3.71 -2.70
C LEU A 139 8.23 4.65 -3.82
N ASN A 140 9.20 5.15 -4.59
CA ASN A 140 8.88 6.03 -5.72
C ASN A 140 8.05 5.29 -6.77
N ILE A 141 8.16 3.97 -6.83
CA ILE A 141 7.31 3.20 -7.73
C ILE A 141 5.91 3.04 -7.13
N LEU A 142 5.82 2.84 -5.81
CA LEU A 142 4.54 2.57 -5.18
C LEU A 142 3.68 3.82 -5.07
N LEU A 143 4.30 4.96 -4.78
CA LEU A 143 3.55 6.18 -4.49
C LEU A 143 2.58 6.60 -5.58
N PRO A 144 2.95 6.66 -6.86
CA PRO A 144 1.95 7.01 -7.88
C PRO A 144 0.83 6.00 -7.99
N LYS A 145 1.10 4.73 -7.68
CA LYS A 145 0.07 3.71 -7.75
C LYS A 145 -0.93 3.85 -6.61
N VAL A 146 -0.44 4.22 -5.42
CA VAL A 146 -1.36 4.55 -4.32
C VAL A 146 -2.20 5.76 -4.70
N ALA A 147 -1.57 6.79 -5.28
CA ALA A 147 -2.30 7.98 -5.68
C ALA A 147 -3.36 7.66 -6.73
N ARG A 148 -3.01 6.79 -7.69
CA ARG A 148 -3.99 6.41 -8.70
C ARG A 148 -5.16 5.66 -8.09
N CYS A 149 -4.88 4.74 -7.16
CA CYS A 149 -5.97 4.06 -6.44
C CYS A 149 -6.87 5.07 -5.75
N ILE A 150 -6.29 6.11 -5.15
CA ILE A 150 -7.10 7.16 -4.52
C ILE A 150 -7.88 7.92 -5.57
N ASP A 151 -7.23 8.25 -6.69
CA ASP A 151 -7.89 9.05 -7.73
C ASP A 151 -9.06 8.29 -8.35
N ARG A 152 -8.85 7.02 -8.68
CA ARG A 152 -9.91 6.25 -9.33
C ARG A 152 -11.08 6.03 -8.37
N LEU A 153 -10.80 5.78 -7.10
CA LEU A 153 -11.89 5.64 -6.12
C LEU A 153 -12.57 6.98 -5.88
N ALA A 154 -11.81 8.07 -5.91
CA ALA A 154 -12.42 9.39 -5.69
C ALA A 154 -13.36 9.77 -6.82
N LYS A 155 -13.07 9.32 -8.05
CA LYS A 155 -13.98 9.61 -9.15
C LYS A 155 -15.26 8.78 -9.04
N LYS A 156 -15.14 7.53 -8.60
CA LYS A 156 -16.33 6.72 -8.36
C LYS A 156 -17.15 7.28 -7.20
N ALA A 157 -16.48 7.76 -6.15
CA ALA A 157 -17.18 8.32 -5.01
C ALA A 157 -17.96 9.57 -5.40
N MET A 158 -17.35 10.44 -6.22
CA MET A 158 -18.07 11.61 -6.72
C MET A 158 -19.18 11.20 -7.67
N LEU A 159 -18.94 10.18 -8.50
CA LEU A 159 -19.94 9.75 -9.47
C LEU A 159 -21.17 9.17 -8.77
N HIS A 160 -20.97 8.49 -7.65
CA HIS A 160 -22.05 7.84 -6.92
C HIS A 160 -22.28 8.47 -5.54
N LYS A 161 -22.06 9.78 -5.42
CA LYS A 161 -22.27 10.44 -4.13
C LYS A 161 -23.73 10.49 -3.74
N SER A 162 -24.64 10.36 -4.69
CA SER A 162 -26.08 10.36 -4.42
C SER A 162 -26.73 9.01 -4.65
N LEU A 163 -25.98 8.01 -5.10
CA LEU A 163 -26.53 6.67 -5.32
C LEU A 163 -26.82 6.03 -3.97
N ILE A 164 -28.08 6.09 -3.55
CA ILE A 164 -28.47 5.61 -2.23
C ILE A 164 -28.45 4.10 -2.19
N CYS A 165 -27.92 3.55 -1.10
CA CYS A 165 -27.86 2.10 -0.93
C CYS A 165 -27.90 1.77 0.55
N LEU A 166 -28.09 0.49 0.83
CA LEU A 166 -28.19 0.00 2.20
C LEU A 166 -26.81 -0.07 2.83
N ALA A 167 -26.65 0.53 4.00
CA ALA A 167 -25.46 0.30 4.80
C ALA A 167 -25.65 -0.95 5.63
N ARG A 168 -24.53 -1.60 5.96
CA ARG A 168 -24.58 -2.92 6.58
C ARG A 168 -23.65 -2.97 7.78
N THR A 169 -24.22 -3.27 8.95
CA THR A 169 -23.47 -3.55 10.16
C THR A 169 -23.77 -4.97 10.60
N HIS A 170 -22.74 -5.67 11.10
CA HIS A 170 -22.82 -7.11 11.36
C HIS A 170 -23.24 -7.87 10.12
N LEU A 171 -22.96 -7.30 8.95
CA LEU A 171 -23.45 -7.78 7.65
C LEU A 171 -24.98 -7.84 7.62
N GLN A 172 -25.64 -7.10 8.50
CA GLN A 172 -27.09 -6.97 8.53
C GLN A 172 -27.49 -5.59 8.03
N PRO A 173 -28.69 -5.45 7.49
CA PRO A 173 -29.10 -4.14 6.94
C PRO A 173 -29.19 -3.08 8.02
N ALA A 174 -28.58 -1.93 7.75
CA ALA A 174 -28.60 -0.78 8.64
C ALA A 174 -29.20 0.42 7.90
N GLN A 175 -29.09 1.60 8.51
CA GLN A 175 -29.66 2.81 7.92
C GLN A 175 -29.05 3.08 6.56
N PRO A 176 -29.82 3.64 5.62
CA PRO A 176 -29.30 3.86 4.27
C PRO A 176 -28.20 4.90 4.23
N THR A 177 -27.25 4.68 3.32
CA THR A 177 -26.20 5.64 3.02
C THR A 177 -26.13 5.74 1.50
N THR A 178 -25.00 6.19 0.97
CA THR A 178 -24.79 6.21 -0.47
C THR A 178 -23.51 5.46 -0.80
N MET A 179 -23.45 4.95 -2.04
CA MET A 179 -22.28 4.18 -2.47
C MET A 179 -21.02 5.03 -2.47
N GLY A 180 -21.11 6.27 -2.94
CA GLY A 180 -19.96 7.15 -2.90
C GLY A 180 -19.51 7.48 -1.49
N ARG A 181 -20.47 7.58 -0.56
CA ARG A 181 -20.12 7.80 0.84
C ARG A 181 -19.38 6.61 1.42
N ARG A 182 -19.75 5.40 1.01
CA ARG A 182 -19.04 4.20 1.45
C ARG A 182 -17.64 4.14 0.85
N ILE A 183 -17.48 4.61 -0.39
CA ILE A 183 -16.18 4.59 -1.04
C ILE A 183 -15.22 5.55 -0.33
N CYS A 184 -15.71 6.71 0.10
CA CYS A 184 -14.88 7.64 0.86
C CYS A 184 -14.33 7.00 2.12
N MET A 185 -15.06 6.04 2.70
CA MET A 185 -14.56 5.28 3.83
C MET A 185 -13.32 4.49 3.45
N TRP A 186 -13.31 3.92 2.23
CA TRP A 186 -12.13 3.21 1.75
C TRP A 186 -10.98 4.18 1.48
N ILE A 187 -11.27 5.32 0.86
CA ILE A 187 -10.24 6.27 0.48
C ILE A 187 -9.50 6.79 1.71
N GLN A 188 -10.22 6.97 2.81
CA GLN A 188 -9.61 7.50 4.03
C GLN A 188 -8.43 6.64 4.48
N ASP A 189 -8.58 5.31 4.37
CA ASP A 189 -7.47 4.43 4.72
C ASP A 189 -6.30 4.59 3.75
N LEU A 190 -6.60 4.73 2.46
CA LEU A 190 -5.53 4.92 1.49
C LEU A 190 -4.81 6.25 1.68
N LEU A 191 -5.51 7.26 2.20
CA LEU A 191 -4.86 8.53 2.47
C LEU A 191 -3.80 8.39 3.56
N LEU A 192 -4.01 7.50 4.51
CA LEU A 192 -3.03 7.29 5.57
C LEU A 192 -1.85 6.45 5.09
N ASP A 193 -2.09 5.50 4.18
CA ASP A 193 -0.99 4.71 3.62
C ASP A 193 -0.08 5.57 2.76
N LEU A 194 -0.67 6.44 1.93
CA LEU A 194 0.12 7.39 1.16
C LEU A 194 0.92 8.30 2.09
N GLU A 195 0.31 8.74 3.18
CA GLU A 195 1.00 9.62 4.13
C GLU A 195 2.15 8.89 4.81
N ASN A 196 1.96 7.61 5.16
CA ASN A 196 3.03 6.85 5.79
C ASN A 196 4.17 6.60 4.80
N LEU A 197 3.85 6.30 3.54
CA LEU A 197 4.88 6.01 2.56
C LEU A 197 5.70 7.25 2.23
N GLU A 198 5.05 8.41 2.11
CA GLU A 198 5.78 9.65 1.87
C GLU A 198 6.72 9.97 3.03
N ARG A 199 6.28 9.66 4.26
CA ARG A 199 7.11 9.93 5.43
C ARG A 199 8.34 9.02 5.45
N LEU A 200 8.19 7.76 5.05
CA LEU A 200 9.34 6.87 4.92
C LEU A 200 10.37 7.45 3.96
N LYS A 201 9.91 7.89 2.79
CA LYS A 201 10.85 8.29 1.74
C LYS A 201 11.49 9.64 2.02
N ASN A 202 10.74 10.56 2.62
CA ASN A 202 11.20 11.92 2.82
C ASN A 202 11.89 12.14 4.16
N HIS A 203 11.75 11.22 5.12
CA HIS A 203 12.20 11.50 6.48
C HIS A 203 12.85 10.30 7.14
N THR A 204 12.14 9.16 7.15
CA THR A 204 12.61 8.01 7.93
C THR A 204 13.87 7.40 7.31
N ILE A 205 13.87 7.18 6.00
CA ILE A 205 14.99 6.53 5.33
C ILE A 205 16.12 7.54 5.17
N ARG A 206 17.24 7.26 5.82
CA ARG A 206 18.46 8.05 5.66
C ARG A 206 19.54 7.21 4.98
N PHE A 207 20.66 7.87 4.68
CA PHE A 207 21.81 7.22 4.08
C PHE A 207 22.69 6.63 5.17
N ARG A 208 23.34 5.50 4.85
CA ARG A 208 24.34 4.98 5.78
C ARG A 208 25.66 5.73 5.62
N GLY A 209 26.09 5.98 4.40
CA GLY A 209 27.31 6.71 4.17
C GLY A 209 28.54 5.84 4.34
N ALA A 210 29.66 6.49 4.66
CA ALA A 210 30.95 5.83 4.83
C ALA A 210 31.28 5.85 6.33
N LYS A 211 30.94 4.75 7.01
CA LYS A 211 31.11 4.66 8.45
C LYS A 211 32.21 3.70 8.88
N GLY A 212 32.72 2.88 7.97
CA GLY A 212 33.75 1.93 8.35
C GLY A 212 33.16 0.65 8.89
N ALA A 213 34.05 -0.16 9.49
CA ALA A 213 33.67 -1.51 9.90
C ALA A 213 32.69 -1.49 11.06
N VAL A 214 32.85 -0.57 12.01
CA VAL A 214 32.02 -0.57 13.20
C VAL A 214 31.40 0.80 13.41
N GLY A 215 31.34 1.61 12.35
CA GLY A 215 30.67 2.89 12.40
C GLY A 215 31.51 4.05 12.90
N THR A 216 32.76 3.81 13.29
CA THR A 216 33.60 4.86 13.84
C THR A 216 34.43 5.59 12.79
N GLN A 217 34.36 5.17 11.52
CA GLN A 217 35.10 5.80 10.43
C GLN A 217 36.60 5.79 10.69
N ALA A 218 37.09 4.76 11.37
CA ALA A 218 38.51 4.69 11.72
C ALA A 218 39.37 4.56 10.48
N SER A 219 38.92 3.79 9.48
CA SER A 219 39.70 3.59 8.27
C SER A 219 39.84 4.90 7.49
N PHE A 220 38.73 5.61 7.30
CA PHE A 220 38.80 6.89 6.59
C PHE A 220 39.58 7.93 7.40
N MET A 221 39.57 7.81 8.74
CA MET A 221 40.42 8.67 9.55
C MET A 221 41.89 8.37 9.31
N ASP A 222 42.24 7.10 9.13
CA ASP A 222 43.60 6.74 8.78
C ASP A 222 44.00 7.31 7.42
N LEU A 223 43.10 7.22 6.43
CA LEU A 223 43.44 7.64 5.08
C LEU A 223 43.67 9.14 5.00
N PHE A 224 42.88 9.93 5.73
CA PHE A 224 43.02 11.37 5.74
C PHE A 224 43.94 11.87 6.86
N GLN A 225 44.80 10.99 7.38
CA GLN A 225 45.79 11.35 8.41
C GLN A 225 45.13 11.98 9.64
N GLY A 226 43.94 11.51 9.99
CA GLY A 226 43.27 11.98 11.19
C GLY A 226 42.58 13.32 11.05
N ASP A 227 42.18 13.72 9.85
CA ASP A 227 41.48 14.99 9.63
C ASP A 227 39.99 14.73 9.78
N HIS A 228 39.42 15.15 10.91
CA HIS A 228 37.99 14.97 11.14
C HIS A 228 37.17 15.66 10.06
N GLN A 229 37.63 16.83 9.58
CA GLN A 229 36.83 17.61 8.65
C GLN A 229 36.65 16.90 7.32
N LYS A 230 37.73 16.32 6.78
CA LYS A 230 37.61 15.62 5.51
C LYS A 230 36.74 14.38 5.65
N VAL A 231 36.84 13.67 6.78
CA VAL A 231 36.02 12.49 7.00
C VAL A 231 34.54 12.87 7.07
N ILE A 232 34.23 13.99 7.74
CA ILE A 232 32.86 14.46 7.77
C ILE A 232 32.39 14.85 6.38
N LYS A 233 33.23 15.55 5.62
CA LYS A 233 32.82 15.98 4.28
C LYS A 233 32.71 14.79 3.32
N LEU A 234 33.56 13.78 3.49
CA LEU A 234 33.40 12.55 2.71
C LEU A 234 32.03 11.95 2.90
N ASP A 235 31.60 11.81 4.16
CA ASP A 235 30.26 11.33 4.44
C ASP A 235 29.21 12.34 3.99
N GLU A 236 29.50 13.63 4.12
CA GLU A 236 28.53 14.66 3.73
C GLU A 236 28.33 14.67 2.22
N ILE A 237 29.40 14.50 1.45
CA ILE A 237 29.31 14.56 0.00
C ILE A 237 28.64 13.30 -0.55
N LEU A 238 29.04 12.14 -0.04
CA LEU A 238 28.44 10.88 -0.49
C LEU A 238 26.93 10.88 -0.26
N THR A 239 26.49 11.39 0.89
CA THR A 239 25.06 11.51 1.14
C THR A 239 24.39 12.38 0.09
N LYS A 240 25.06 13.46 -0.34
CA LYS A 240 24.49 14.34 -1.35
C LYS A 240 24.50 13.69 -2.73
N LYS A 241 25.62 13.06 -3.09
CA LYS A 241 25.75 12.47 -4.43
C LYS A 241 24.72 11.37 -4.64
N SER A 242 24.42 10.58 -3.61
CA SER A 242 23.49 9.47 -3.73
C SER A 242 22.03 9.90 -3.66
N GLY A 243 21.74 11.20 -3.57
CA GLY A 243 20.38 11.68 -3.58
C GLY A 243 19.67 11.72 -2.24
N PHE A 244 20.42 11.69 -1.13
CA PHE A 244 19.85 11.72 0.20
C PHE A 244 20.11 13.06 0.88
N GLN A 245 19.33 13.35 1.90
CA GLN A 245 19.43 14.63 2.62
C GLN A 245 20.29 14.55 3.87
N ARG A 246 20.37 13.39 4.51
CA ARG A 246 21.14 13.23 5.73
C ARG A 246 21.51 11.77 5.90
N SER A 247 22.45 11.51 6.80
CA SER A 247 22.91 10.16 7.09
C SER A 247 22.83 9.90 8.58
N TRP A 248 22.77 8.62 8.93
CA TRP A 248 22.88 8.24 10.33
C TRP A 248 24.26 8.61 10.86
N CYS A 249 24.31 8.95 12.15
CA CYS A 249 25.57 9.39 12.75
C CYS A 249 26.19 8.37 13.69
N VAL A 250 25.40 7.46 14.27
CA VAL A 250 25.92 6.53 15.25
C VAL A 250 25.49 5.11 14.93
N THR A 251 25.79 4.66 13.71
CA THR A 251 25.49 3.28 13.33
C THR A 251 26.44 2.31 14.03
N GLY A 252 26.10 1.03 13.93
CA GLY A 252 27.07 -0.01 14.12
C GLY A 252 27.75 -0.26 12.79
N GLN A 253 27.77 -1.51 12.32
CA GLN A 253 28.25 -1.77 10.98
C GLN A 253 27.21 -1.43 9.92
N THR A 254 25.93 -1.51 10.26
CA THR A 254 24.84 -1.28 9.31
C THR A 254 24.01 -0.08 9.73
N TYR A 255 23.14 0.33 8.81
CA TYR A 255 22.10 1.28 9.18
C TYR A 255 21.13 0.60 10.15
N PRO A 256 20.50 1.37 11.04
CA PRO A 256 19.59 0.76 12.03
C PRO A 256 18.50 -0.05 11.36
N ARG A 257 18.50 -1.36 11.62
CA ARG A 257 17.55 -2.27 11.00
C ARG A 257 16.11 -1.99 11.40
N LYS A 258 15.88 -1.17 12.43
CA LYS A 258 14.52 -0.71 12.72
C LYS A 258 13.90 -0.03 11.51
N VAL A 259 14.72 0.55 10.64
CA VAL A 259 14.21 1.13 9.40
C VAL A 259 13.48 0.09 8.58
N ASP A 260 14.00 -1.14 8.52
CA ASP A 260 13.33 -2.21 7.78
C ASP A 260 11.97 -2.53 8.40
N ILE A 261 11.84 -2.39 9.71
CA ILE A 261 10.54 -2.56 10.35
C ILE A 261 9.57 -1.49 9.88
N GLU A 262 10.03 -0.23 9.88
CA GLU A 262 9.18 0.88 9.44
C GLU A 262 8.68 0.68 8.01
N ILE A 263 9.54 0.14 7.14
CA ILE A 263 9.16 -0.06 5.75
C ILE A 263 8.10 -1.16 5.64
N THR A 264 8.39 -2.34 6.20
CA THR A 264 7.45 -3.45 6.09
C THR A 264 6.15 -3.17 6.84
N ASN A 265 6.21 -2.46 7.96
CA ASN A 265 4.99 -2.09 8.67
C ASN A 265 4.08 -1.22 7.79
N ALA A 266 4.68 -0.23 7.11
CA ALA A 266 3.88 0.61 6.22
C ALA A 266 3.34 -0.18 5.05
N LEU A 267 4.16 -1.09 4.50
CA LEU A 267 3.70 -1.91 3.38
C LEU A 267 2.65 -2.93 3.83
N SER A 268 2.87 -3.57 4.98
CA SER A 268 1.84 -4.46 5.52
C SER A 268 0.55 -3.69 5.79
N ASN A 269 0.66 -2.42 6.18
CA ASN A 269 -0.52 -1.60 6.42
C ASN A 269 -1.34 -1.44 5.15
N ILE A 270 -0.68 -1.32 4.00
CA ILE A 270 -1.38 -1.28 2.72
C ILE A 270 -2.17 -2.57 2.51
N GLY A 271 -1.58 -3.71 2.89
CA GLY A 271 -2.27 -4.98 2.72
C GLY A 271 -3.57 -5.05 3.50
N ALA A 272 -3.58 -4.53 4.73
CA ALA A 272 -4.81 -4.51 5.51
C ALA A 272 -5.88 -3.66 4.84
N THR A 273 -5.48 -2.53 4.26
CA THR A 273 -6.44 -1.67 3.56
C THR A 273 -7.00 -2.37 2.33
N VAL A 274 -6.12 -2.88 1.47
CA VAL A 274 -6.55 -3.54 0.24
C VAL A 274 -7.44 -4.73 0.56
N HIS A 275 -7.12 -5.47 1.61
CA HIS A 275 -7.91 -6.65 1.96
C HIS A 275 -9.32 -6.26 2.38
N LYS A 276 -9.45 -5.17 3.15
CA LYS A 276 -10.78 -4.74 3.59
C LYS A 276 -11.60 -4.20 2.41
N ILE A 277 -10.97 -3.39 1.56
CA ILE A 277 -11.68 -2.85 0.40
C ILE A 277 -12.22 -3.98 -0.47
N CYS A 278 -11.35 -4.94 -0.79
CA CYS A 278 -11.74 -6.02 -1.71
C CYS A 278 -12.62 -7.07 -1.05
N THR A 279 -12.54 -7.25 0.27
CA THR A 279 -13.54 -8.07 0.95
C THR A 279 -14.90 -7.40 0.91
N ASP A 280 -14.94 -6.07 1.10
CA ASP A 280 -16.19 -5.35 0.95
C ASP A 280 -16.77 -5.50 -0.45
N ILE A 281 -15.91 -5.41 -1.47
CA ILE A 281 -16.38 -5.59 -2.85
C ILE A 281 -16.86 -7.02 -3.06
N ARG A 282 -16.18 -7.99 -2.46
CA ARG A 282 -16.65 -9.38 -2.55
C ARG A 282 -18.00 -9.56 -1.87
N LEU A 283 -18.18 -8.93 -0.70
CA LEU A 283 -19.45 -9.04 0.01
C LEU A 283 -20.58 -8.43 -0.80
N LEU A 284 -20.39 -7.19 -1.28
CA LEU A 284 -21.45 -6.52 -2.03
C LEU A 284 -21.72 -7.22 -3.35
N SER A 285 -20.74 -7.94 -3.90
CA SER A 285 -20.97 -8.68 -5.14
C SER A 285 -21.95 -9.83 -4.94
N SER A 286 -22.01 -10.38 -3.73
CA SER A 286 -22.97 -11.45 -3.44
C SER A 286 -24.39 -10.91 -3.25
N PHE A 287 -24.53 -9.64 -2.88
CA PHE A 287 -25.84 -9.00 -2.86
C PHE A 287 -26.23 -8.43 -4.22
N HIS A 288 -25.40 -8.65 -5.24
CA HIS A 288 -25.63 -8.21 -6.62
C HIS A 288 -25.73 -6.69 -6.74
N GLU A 289 -25.12 -5.95 -5.83
CA GLU A 289 -25.15 -4.50 -5.89
C GLU A 289 -23.95 -3.90 -6.61
N VAL A 290 -22.82 -4.60 -6.64
CA VAL A 290 -21.64 -4.19 -7.39
C VAL A 290 -21.07 -5.41 -8.09
N GLU A 291 -20.11 -5.16 -8.97
CA GLU A 291 -19.36 -6.24 -9.60
C GLU A 291 -18.02 -5.70 -10.08
N GLU A 292 -16.96 -6.46 -9.83
CA GLU A 292 -15.63 -6.09 -10.28
C GLU A 292 -15.59 -6.07 -11.81
N PRO A 293 -14.64 -5.34 -12.39
CA PRO A 293 -14.44 -5.42 -13.83
C PRO A 293 -13.93 -6.80 -14.23
N PHE A 294 -13.93 -7.04 -15.54
CA PHE A 294 -13.51 -8.32 -16.08
C PHE A 294 -13.27 -8.16 -17.57
N GLU A 295 -12.39 -9.00 -18.10
CA GLU A 295 -12.16 -9.03 -19.53
C GLU A 295 -13.34 -9.71 -20.22
N THR A 296 -14.01 -8.98 -21.12
CA THR A 296 -15.10 -9.58 -21.88
C THR A 296 -14.61 -10.66 -22.83
N LYS A 297 -13.30 -10.85 -22.97
CA LYS A 297 -12.69 -11.84 -23.85
C LYS A 297 -13.07 -11.58 -25.30
N MET A 304 -20.32 -15.22 -17.31
CA MET A 304 -20.87 -14.28 -18.28
C MET A 304 -20.95 -12.88 -17.66
N PRO A 305 -21.12 -11.84 -18.52
CA PRO A 305 -21.08 -10.45 -18.04
C PRO A 305 -21.79 -10.14 -16.72
N TYR A 306 -23.00 -10.67 -16.52
CA TYR A 306 -23.79 -10.33 -15.34
C TYR A 306 -24.01 -11.53 -14.43
N LYS A 307 -23.04 -12.45 -14.40
CA LYS A 307 -23.15 -13.66 -13.58
C LYS A 307 -21.76 -14.29 -13.55
N ARG A 308 -20.96 -13.86 -12.59
CA ARG A 308 -19.57 -14.32 -12.49
C ARG A 308 -19.08 -14.12 -11.07
N ASN A 309 -17.83 -14.48 -10.84
CA ASN A 309 -17.18 -14.48 -9.53
C ASN A 309 -16.17 -13.34 -9.41
N PRO A 310 -15.97 -12.76 -8.15
CA PRO A 310 -14.96 -11.70 -7.94
C PRO A 310 -13.54 -12.25 -7.94
N ILE A 311 -13.12 -12.72 -9.11
CA ILE A 311 -11.81 -13.39 -9.23
C ILE A 311 -10.68 -12.43 -8.88
N ARG A 312 -10.76 -11.18 -9.34
CA ARG A 312 -9.65 -10.26 -9.12
C ARG A 312 -9.63 -9.76 -7.68
N SER A 313 -10.81 -9.50 -7.09
CA SER A 313 -10.85 -9.05 -5.70
C SER A 313 -10.36 -10.13 -4.75
N GLU A 314 -10.63 -11.40 -5.07
CA GLU A 314 -10.14 -12.48 -4.22
C GLU A 314 -8.62 -12.62 -4.31
N ARG A 315 -8.07 -12.46 -5.52
CA ARG A 315 -6.62 -12.50 -5.67
C ARG A 315 -5.96 -11.36 -4.90
N ALA A 316 -6.55 -10.16 -4.96
CA ALA A 316 -6.01 -9.04 -4.20
C ALA A 316 -6.05 -9.33 -2.71
N CYS A 317 -7.15 -9.92 -2.23
CA CYS A 317 -7.22 -10.31 -0.82
C CYS A 317 -6.13 -11.33 -0.48
N SER A 318 -5.90 -12.29 -1.38
CA SER A 318 -4.88 -13.31 -1.12
C SER A 318 -3.50 -12.69 -1.05
N LEU A 319 -3.16 -11.84 -2.03
CA LEU A 319 -1.85 -11.20 -2.01
C LEU A 319 -1.74 -10.17 -0.88
N ALA A 320 -2.85 -9.51 -0.53
CA ALA A 320 -2.79 -8.54 0.56
C ALA A 320 -2.56 -9.24 1.90
N ARG A 321 -3.13 -10.43 2.08
CA ARG A 321 -2.95 -11.15 3.34
C ARG A 321 -1.50 -11.60 3.50
N TYR A 322 -0.86 -12.02 2.41
CA TYR A 322 0.55 -12.35 2.47
C TYR A 322 1.38 -11.12 2.83
N LEU A 323 1.08 -9.99 2.18
CA LEU A 323 1.77 -8.74 2.50
C LEU A 323 1.47 -8.30 3.93
N MET A 324 0.23 -8.54 4.39
CA MET A 324 -0.16 -8.13 5.74
C MET A 324 0.77 -8.69 6.80
N HIS A 325 1.19 -9.94 6.63
CA HIS A 325 1.96 -10.64 7.66
C HIS A 325 3.45 -10.68 7.37
N ILE A 326 3.90 -10.16 6.23
CA ILE A 326 5.32 -10.21 5.88
C ILE A 326 6.17 -9.46 6.90
N SER A 327 5.55 -8.60 7.71
CA SER A 327 6.29 -7.81 8.68
C SER A 327 6.68 -8.59 9.93
N THR A 328 6.09 -9.77 10.15
CA THR A 328 6.30 -10.48 11.41
C THR A 328 7.73 -10.99 11.54
N SER A 329 8.41 -11.28 10.43
CA SER A 329 9.77 -11.77 10.49
C SER A 329 10.80 -10.65 10.57
N MET A 330 10.44 -9.44 10.16
CA MET A 330 11.37 -8.33 10.25
C MET A 330 11.55 -7.86 11.69
N VAL A 331 10.46 -7.82 12.46
CA VAL A 331 10.55 -7.30 13.82
C VAL A 331 11.41 -8.21 14.70
N SER A 332 11.28 -9.53 14.53
CA SER A 332 12.09 -10.46 15.32
C SER A 332 13.53 -10.49 14.83
N THR A 333 13.76 -10.23 13.54
CA THR A 333 15.13 -10.11 13.04
C THR A 333 15.85 -8.93 13.68
N VAL A 334 15.18 -7.78 13.75
CA VAL A 334 15.79 -6.59 14.33
C VAL A 334 16.07 -6.80 15.82
N SER A 335 15.19 -7.53 16.50
CA SER A 335 15.34 -7.72 17.94
C SER A 335 16.53 -8.61 18.31
N VAL A 336 17.09 -9.34 17.37
CA VAL A 336 18.20 -10.24 17.66
C VAL A 336 19.48 -9.81 16.94
N GLN A 337 19.55 -8.55 16.49
CA GLN A 337 20.80 -8.01 15.97
C GLN A 337 21.76 -7.83 17.12
N TRP A 338 22.84 -8.61 17.12
CA TRP A 338 23.77 -8.66 18.24
C TRP A 338 24.78 -7.52 18.12
N LEU A 339 24.74 -6.60 19.09
CA LEU A 339 25.76 -5.57 19.27
C LEU A 339 26.00 -4.77 17.98
N GLU A 340 27.21 -4.77 17.45
CA GLU A 340 27.53 -3.93 16.30
C GLU A 340 27.00 -4.49 14.97
N ARG A 341 26.77 -5.81 14.88
CA ARG A 341 26.31 -6.51 13.67
C ARG A 341 26.34 -8.03 13.81
N SER A 342 25.27 -8.74 13.39
CA SER A 342 25.27 -10.21 13.28
C SER A 342 24.59 -10.59 11.97
N LEU A 343 25.17 -11.55 11.24
CA LEU A 343 24.82 -11.73 9.81
C LEU A 343 23.52 -12.48 9.59
N ASP A 344 22.81 -12.84 10.65
CA ASP A 344 21.53 -13.53 10.54
C ASP A 344 20.39 -12.62 10.07
N ASP A 345 20.69 -11.44 9.51
CA ASP A 345 19.69 -10.61 8.84
C ASP A 345 19.90 -10.52 7.34
N SER A 346 20.99 -11.07 6.82
CA SER A 346 21.30 -10.91 5.40
C SER A 346 20.37 -11.74 4.53
N ALA A 347 20.21 -13.03 4.85
CA ALA A 347 19.40 -13.91 4.01
C ALA A 347 17.93 -13.51 4.03
N ILE A 348 17.39 -13.23 5.23
CA ILE A 348 15.97 -12.95 5.32
C ILE A 348 15.63 -11.59 4.69
N ARG A 349 16.59 -10.65 4.68
CA ARG A 349 16.34 -9.38 4.01
C ARG A 349 16.35 -9.52 2.50
N ARG A 350 17.08 -10.51 1.98
CA ARG A 350 17.04 -10.77 0.54
C ARG A 350 15.64 -11.18 0.09
N ILE A 351 14.87 -11.79 0.99
CA ILE A 351 13.55 -12.33 0.66
C ILE A 351 12.44 -11.33 1.03
N VAL A 352 12.41 -10.90 2.28
CA VAL A 352 11.23 -10.21 2.80
C VAL A 352 11.08 -8.83 2.18
N LEU A 353 12.18 -8.06 2.10
CA LEU A 353 12.08 -6.70 1.58
C LEU A 353 11.62 -6.65 0.13
N PRO A 354 12.22 -7.40 -0.81
CA PRO A 354 11.69 -7.35 -2.18
C PRO A 354 10.28 -7.92 -2.31
N GLU A 355 9.99 -9.03 -1.63
CA GLU A 355 8.66 -9.62 -1.72
C GLU A 355 7.59 -8.74 -1.09
N ALA A 356 7.96 -7.96 -0.07
CA ALA A 356 7.01 -6.99 0.48
C ALA A 356 6.69 -5.91 -0.54
N PHE A 357 7.69 -5.43 -1.27
CA PHE A 357 7.45 -4.44 -2.30
C PHE A 357 6.69 -5.04 -3.49
N LEU A 358 7.05 -6.26 -3.89
CA LEU A 358 6.38 -6.89 -5.03
C LEU A 358 4.92 -7.17 -4.72
N ALA A 359 4.61 -7.60 -3.50
CA ALA A 359 3.23 -7.84 -3.13
C ALA A 359 2.45 -6.54 -3.03
N ALA A 360 3.04 -5.51 -2.42
CA ALA A 360 2.39 -4.21 -2.37
C ALA A 360 2.15 -3.68 -3.78
N ASP A 361 3.14 -3.83 -4.66
CA ASP A 361 2.97 -3.41 -6.05
C ASP A 361 1.85 -4.18 -6.73
N ALA A 362 1.77 -5.49 -6.46
CA ALA A 362 0.74 -6.31 -7.09
C ALA A 362 -0.65 -5.98 -6.58
N CYS A 363 -0.76 -5.67 -5.28
CA CYS A 363 -2.07 -5.34 -4.71
C CYS A 363 -2.57 -4.00 -5.26
N LEU A 364 -1.69 -3.01 -5.33
CA LEU A 364 -2.11 -1.70 -5.86
C LEU A 364 -2.46 -1.79 -7.34
N THR A 365 -1.76 -2.66 -8.07
CA THR A 365 -2.13 -2.89 -9.47
C THR A 365 -3.54 -3.47 -9.57
N LEU A 366 -3.83 -4.49 -8.76
CA LEU A 366 -5.17 -5.06 -8.74
C LEU A 366 -6.20 -4.06 -8.23
N LEU A 367 -5.85 -3.29 -7.21
CA LEU A 367 -6.82 -2.37 -6.62
C LEU A 367 -7.20 -1.26 -7.59
N GLN A 368 -6.23 -0.71 -8.32
CA GLN A 368 -6.55 0.33 -9.29
C GLN A 368 -7.41 -0.21 -10.43
N ASN A 369 -7.08 -1.41 -10.92
CA ASN A 369 -7.89 -2.02 -11.97
C ASN A 369 -9.33 -2.23 -11.52
N ILE A 370 -9.52 -2.77 -10.32
CA ILE A 370 -10.86 -2.99 -9.80
C ILE A 370 -11.57 -1.66 -9.56
N ALA A 371 -10.84 -0.66 -9.07
CA ALA A 371 -11.45 0.64 -8.82
C ALA A 371 -11.86 1.33 -10.13
N GLU A 372 -11.04 1.19 -11.17
CA GLU A 372 -11.34 1.84 -12.45
C GLU A 372 -12.64 1.31 -13.04
N GLY A 373 -12.80 -0.01 -13.08
CA GLY A 373 -13.93 -0.60 -13.76
C GLY A 373 -15.03 -1.12 -12.85
N LEU A 374 -15.11 -0.60 -11.62
CA LEU A 374 -16.12 -1.04 -10.69
C LEU A 374 -17.51 -0.74 -11.24
N ILE A 375 -18.34 -1.77 -11.33
CA ILE A 375 -19.70 -1.67 -11.85
C ILE A 375 -20.66 -1.67 -10.67
N VAL A 376 -21.70 -0.84 -10.76
CA VAL A 376 -22.75 -0.79 -9.75
C VAL A 376 -24.09 -1.06 -10.42
N TYR A 377 -25.05 -1.53 -9.62
CA TYR A 377 -26.37 -1.89 -10.10
C TYR A 377 -27.41 -1.17 -9.26
N PRO A 378 -27.85 0.02 -9.69
CA PRO A 378 -28.74 0.82 -8.83
C PRO A 378 -30.09 0.18 -8.55
N MET A 379 -30.64 -0.56 -9.52
CA MET A 379 -31.96 -1.16 -9.31
C MET A 379 -31.92 -2.25 -8.25
N VAL A 380 -30.82 -2.99 -8.16
CA VAL A 380 -30.67 -3.97 -7.08
C VAL A 380 -30.50 -3.25 -5.75
N MET A 381 -29.72 -2.16 -5.74
CA MET A 381 -29.59 -1.36 -4.52
C MET A 381 -30.94 -0.83 -4.08
N GLU A 382 -31.76 -0.37 -5.03
CA GLU A 382 -33.09 0.11 -4.69
C GLU A 382 -33.98 -1.03 -4.21
N ALA A 383 -33.86 -2.21 -4.84
CA ALA A 383 -34.68 -3.34 -4.44
C ALA A 383 -34.29 -3.85 -3.05
N ASN A 384 -32.99 -4.02 -2.81
CA ASN A 384 -32.53 -4.41 -1.48
C ASN A 384 -32.90 -3.36 -0.44
N LEU A 385 -32.80 -2.09 -0.80
CA LEU A 385 -33.19 -1.02 0.10
C LEU A 385 -34.67 -1.10 0.44
N ASN A 386 -35.52 -1.34 -0.57
CA ASN A 386 -36.97 -1.33 -0.36
C ASN A 386 -37.43 -2.48 0.52
N SER A 387 -36.84 -3.66 0.36
CA SER A 387 -37.28 -4.82 1.12
C SER A 387 -36.94 -4.71 2.60
N GLU A 388 -35.95 -3.89 2.96
CA GLU A 388 -35.55 -3.72 4.35
C GLU A 388 -36.00 -2.40 4.96
N LEU A 389 -36.44 -1.43 4.14
CA LEU A 389 -36.84 -0.13 4.67
C LEU A 389 -37.99 -0.18 5.67
N PRO A 390 -39.03 -0.99 5.51
CA PRO A 390 -40.12 -0.97 6.52
C PRO A 390 -39.65 -1.28 7.94
N PHE A 391 -38.56 -2.03 8.11
CA PHE A 391 -38.01 -2.26 9.43
C PHE A 391 -37.16 -1.09 9.90
N LEU A 392 -36.52 -0.37 8.96
CA LEU A 392 -35.60 0.70 9.30
C LEU A 392 -36.29 2.02 9.63
N VAL A 393 -37.61 2.11 9.47
CA VAL A 393 -38.34 3.34 9.72
C VAL A 393 -39.26 3.23 10.93
N VAL A 394 -39.21 2.13 11.67
CA VAL A 394 -40.13 1.94 12.79
C VAL A 394 -39.85 2.94 13.90
N GLU A 395 -38.61 3.40 14.03
CA GLU A 395 -38.26 4.32 15.11
C GLU A 395 -38.67 5.75 14.79
N ARG A 396 -38.49 6.19 13.55
CA ARG A 396 -38.99 7.51 13.18
C ARG A 396 -40.51 7.54 13.05
N ILE A 397 -41.13 6.38 12.81
CA ILE A 397 -42.59 6.29 12.95
C ILE A 397 -42.98 6.45 14.41
N LEU A 398 -42.21 5.84 15.31
CA LEU A 398 -42.47 5.99 16.75
C LEU A 398 -42.37 7.45 17.18
N VAL A 399 -41.34 8.16 16.69
CA VAL A 399 -41.21 9.57 17.00
C VAL A 399 -42.40 10.35 16.44
N LYS A 400 -42.86 9.96 15.24
CA LYS A 400 -44.01 10.63 14.64
C LYS A 400 -45.27 10.45 15.49
N MET A 401 -45.47 9.24 16.02
CA MET A 401 -46.67 8.98 16.81
C MET A 401 -46.64 9.77 18.13
N VAL A 402 -45.47 9.90 18.74
CA VAL A 402 -45.38 10.66 19.99
C VAL A 402 -45.43 12.16 19.72
N SER A 403 -44.75 12.62 18.66
CA SER A 403 -44.66 14.05 18.40
C SER A 403 -45.92 14.61 17.74
N GLU A 404 -46.61 13.81 16.94
CA GLU A 404 -47.75 14.29 16.17
C GLU A 404 -49.06 13.57 16.45
N GLY A 405 -49.02 12.37 17.03
CA GLY A 405 -50.22 11.62 17.32
C GLY A 405 -50.64 11.52 18.79
N ALA A 406 -49.95 12.24 19.68
CA ALA A 406 -50.24 12.23 21.11
C ALA A 406 -50.19 10.82 21.69
N ALA A 407 -49.29 10.00 21.18
CA ALA A 407 -49.17 8.61 21.62
C ALA A 407 -48.19 8.50 22.77
N ASN A 408 -48.47 7.59 23.70
CA ASN A 408 -47.54 7.30 24.77
C ASN A 408 -46.34 6.53 24.21
N ARG A 409 -45.13 6.93 24.63
CA ARG A 409 -43.92 6.35 24.07
C ARG A 409 -43.84 4.85 24.34
N GLN A 410 -43.98 4.46 25.60
CA GLN A 410 -43.90 3.04 25.95
C GLN A 410 -45.02 2.23 25.31
N GLU A 411 -46.21 2.83 25.20
CA GLU A 411 -47.35 2.09 24.65
C GLU A 411 -47.24 1.95 23.14
N CYS A 412 -46.81 3.02 22.45
CA CYS A 412 -46.63 2.93 21.01
C CYS A 412 -45.46 2.04 20.64
N HIS A 413 -44.47 1.93 21.53
CA HIS A 413 -43.29 1.11 21.23
C HIS A 413 -43.64 -0.38 21.27
N GLU A 414 -44.38 -0.80 22.30
CA GLU A 414 -44.73 -2.21 22.40
C GLU A 414 -45.64 -2.66 21.27
N ARG A 415 -46.52 -1.77 20.79
CA ARG A 415 -47.40 -2.14 19.69
C ARG A 415 -46.63 -2.23 18.37
N LEU A 416 -45.74 -1.27 18.12
CA LEU A 416 -44.87 -1.37 16.95
C LEU A 416 -44.00 -2.62 17.01
N ARG A 417 -43.64 -3.06 18.21
CA ARG A 417 -42.84 -4.28 18.35
C ARG A 417 -43.66 -5.51 17.97
N LYS A 418 -44.90 -5.58 18.43
CA LYS A 418 -45.75 -6.74 18.10
C LYS A 418 -45.99 -6.82 16.59
N HIS A 419 -46.18 -5.68 15.93
CA HIS A 419 -46.34 -5.68 14.49
C HIS A 419 -45.03 -6.04 13.79
N SER A 420 -43.90 -5.56 14.31
CA SER A 420 -42.61 -5.88 13.70
C SER A 420 -42.22 -7.34 13.96
N HIS A 421 -42.53 -7.84 15.16
CA HIS A 421 -42.20 -9.22 15.50
C HIS A 421 -42.90 -10.20 14.58
N GLU A 422 -44.20 -9.99 14.34
CA GLU A 422 -44.94 -10.93 13.51
C GLU A 422 -44.59 -10.75 12.03
N ALA A 423 -44.25 -9.54 11.60
CA ALA A 423 -43.83 -9.34 10.21
C ALA A 423 -42.46 -9.96 9.96
N ALA A 424 -41.56 -9.85 10.94
CA ALA A 424 -40.26 -10.50 10.80
C ALA A 424 -40.38 -12.02 10.81
N ALA A 425 -41.42 -12.56 11.45
CA ALA A 425 -41.63 -14.00 11.42
C ALA A 425 -42.14 -14.45 10.06
N GLU A 426 -42.98 -13.64 9.42
CA GLU A 426 -43.46 -13.99 8.08
C GLU A 426 -42.32 -14.00 7.07
N ILE A 427 -41.28 -13.19 7.29
CA ILE A 427 -40.16 -13.12 6.36
C ILE A 427 -39.35 -14.42 6.41
N LYS A 428 -38.87 -14.78 7.58
CA LYS A 428 -37.95 -15.91 7.73
C LYS A 428 -38.67 -17.25 7.84
N LEU A 429 -39.77 -17.33 8.58
CA LEU A 429 -40.45 -18.61 8.76
C LEU A 429 -41.18 -19.02 7.49
N LYS A 430 -41.97 -18.13 6.91
CA LYS A 430 -42.84 -18.47 5.78
C LYS A 430 -42.28 -18.01 4.44
N GLY A 431 -41.23 -17.19 4.42
CA GLY A 431 -40.67 -16.74 3.17
C GLY A 431 -41.49 -15.71 2.43
N LEU A 432 -42.42 -15.04 3.11
CA LEU A 432 -43.26 -14.04 2.48
C LEU A 432 -42.54 -12.70 2.38
N LYS A 433 -43.20 -11.73 1.76
CA LYS A 433 -42.65 -10.40 1.61
C LYS A 433 -43.07 -9.52 2.79
N ASN A 434 -42.32 -8.43 2.98
CA ASN A 434 -42.50 -7.57 4.14
C ASN A 434 -43.80 -6.78 4.00
N SER A 435 -44.76 -7.05 4.89
CA SER A 435 -46.05 -6.38 4.89
C SER A 435 -46.26 -5.58 6.17
N LEU A 436 -45.18 -5.06 6.76
CA LEU A 436 -45.30 -4.32 8.00
C LEU A 436 -46.08 -3.02 7.80
N MET A 437 -45.85 -2.34 6.67
CA MET A 437 -46.53 -1.06 6.43
C MET A 437 -48.04 -1.25 6.31
N ASP A 438 -48.48 -2.34 5.69
CA ASP A 438 -49.91 -2.63 5.63
C ASP A 438 -50.46 -3.10 6.97
N LYS A 439 -49.61 -3.62 7.86
CA LYS A 439 -50.08 -3.95 9.20
C LYS A 439 -50.39 -2.69 9.99
N LEU A 440 -49.58 -1.63 9.83
CA LEU A 440 -49.85 -0.39 10.52
C LEU A 440 -51.02 0.37 9.88
N LEU A 441 -51.15 0.25 8.56
CA LEU A 441 -52.24 0.95 7.87
C LEU A 441 -53.60 0.46 8.33
N ASN A 442 -53.76 -0.86 8.50
CA ASN A 442 -55.02 -1.43 8.95
C ASN A 442 -55.20 -1.37 10.46
N ASP A 443 -54.27 -0.76 11.19
CA ASP A 443 -54.35 -0.64 12.64
C ASP A 443 -54.91 0.75 12.98
N TYR A 444 -56.03 0.78 13.68
CA TYR A 444 -56.64 2.04 14.08
C TYR A 444 -55.69 2.89 14.91
N TYR A 445 -54.83 2.25 15.71
CA TYR A 445 -53.97 2.97 16.63
C TYR A 445 -53.05 3.93 15.89
N PHE A 446 -52.54 3.52 14.73
CA PHE A 446 -51.60 4.31 13.96
C PHE A 446 -52.27 5.22 12.95
N ALA A 447 -53.47 5.73 13.28
CA ALA A 447 -54.14 6.68 12.40
C ALA A 447 -53.33 7.96 12.14
N PRO A 448 -52.63 8.56 13.11
CA PRO A 448 -51.90 9.80 12.81
C PRO A 448 -50.82 9.65 11.74
N ILE A 449 -50.37 8.44 11.44
CA ILE A 449 -49.30 8.24 10.47
C ILE A 449 -49.80 7.56 9.21
N HIS A 450 -51.11 7.35 9.07
CA HIS A 450 -51.64 6.73 7.86
C HIS A 450 -51.40 7.60 6.63
N SER A 451 -51.41 8.92 6.79
CA SER A 451 -51.21 9.80 5.65
C SER A 451 -49.77 9.80 5.16
N LEU A 452 -48.80 9.67 6.08
CA LEU A 452 -47.40 9.64 5.71
C LEU A 452 -46.93 8.26 5.24
N LEU A 453 -47.74 7.22 5.46
CA LEU A 453 -47.33 5.88 5.08
C LEU A 453 -47.08 5.70 3.58
N PRO A 454 -47.84 6.31 2.66
CA PRO A 454 -47.52 6.15 1.23
C PRO A 454 -46.10 6.55 0.86
N THR A 455 -45.51 7.54 1.54
CA THR A 455 -44.19 8.04 1.18
C THR A 455 -43.18 7.93 2.33
N VAL A 456 -43.49 7.12 3.35
CA VAL A 456 -42.56 7.00 4.48
C VAL A 456 -41.32 6.20 4.11
N LEU A 457 -41.36 5.45 3.01
CA LEU A 457 -40.23 4.62 2.57
C LEU A 457 -39.40 5.31 1.49
N ASP A 458 -39.29 6.64 1.54
CA ASP A 458 -38.45 7.37 0.61
C ASP A 458 -37.02 7.39 1.16
N PRO A 459 -36.07 6.69 0.55
CA PRO A 459 -34.72 6.64 1.13
C PRO A 459 -33.95 7.95 1.04
N SER A 460 -34.52 9.00 0.46
CA SER A 460 -33.77 10.21 0.17
C SER A 460 -33.66 11.15 1.37
N TYR A 461 -34.51 11.01 2.38
CA TYR A 461 -34.48 11.87 3.54
C TYR A 461 -33.85 11.21 4.76
N MET A 462 -33.26 10.02 4.60
CA MET A 462 -32.70 9.28 5.71
C MET A 462 -31.18 9.18 5.67
N ILE A 463 -30.54 9.73 4.64
CA ILE A 463 -29.11 9.51 4.44
C ILE A 463 -28.30 10.60 5.13
N GLY A 464 -28.96 11.48 5.87
CA GLY A 464 -28.26 12.47 6.68
C GLY A 464 -27.42 13.40 5.82
N ARG A 465 -26.12 13.45 6.11
CA ARG A 465 -25.19 14.29 5.39
C ARG A 465 -24.27 13.49 4.46
N ALA A 466 -24.73 12.33 3.99
CA ALA A 466 -23.87 11.45 3.20
C ALA A 466 -23.31 12.17 1.98
N VAL A 467 -24.16 12.89 1.25
CA VAL A 467 -23.71 13.57 0.04
C VAL A 467 -22.71 14.67 0.38
N GLU A 468 -23.05 15.52 1.35
CA GLU A 468 -22.19 16.64 1.70
C GLU A 468 -20.85 16.17 2.25
N GLN A 469 -20.82 15.04 2.96
CA GLN A 469 -19.56 14.52 3.48
C GLN A 469 -18.62 14.12 2.35
N VAL A 470 -19.17 13.56 1.27
CA VAL A 470 -18.34 13.20 0.12
C VAL A 470 -17.70 14.44 -0.48
N GLU A 471 -18.49 15.50 -0.65
CA GLU A 471 -17.99 16.73 -1.27
C GLU A 471 -16.83 17.31 -0.47
N VAL A 472 -17.05 17.52 0.83
CA VAL A 472 -16.01 18.12 1.67
C VAL A 472 -14.78 17.24 1.72
N PHE A 473 -14.98 15.92 1.86
CA PHE A 473 -13.85 15.01 1.97
C PHE A 473 -13.01 14.99 0.71
N LEU A 474 -13.66 14.91 -0.45
CA LEU A 474 -12.93 14.88 -1.72
C LEU A 474 -12.23 16.20 -1.98
N ASN A 475 -12.85 17.32 -1.60
CA ASN A 475 -12.30 18.64 -1.90
C ASN A 475 -11.21 19.04 -0.92
N THR A 476 -11.38 18.72 0.36
CA THR A 476 -10.50 19.22 1.41
C THR A 476 -9.39 18.24 1.80
N GLU A 477 -9.64 16.94 1.75
CA GLU A 477 -8.67 15.95 2.18
C GLU A 477 -8.05 15.14 1.04
N VAL A 478 -8.84 14.76 0.03
CA VAL A 478 -8.32 13.91 -1.03
C VAL A 478 -7.51 14.73 -2.03
N ASP A 479 -8.11 15.79 -2.58
CA ASP A 479 -7.45 16.61 -3.58
C ASP A 479 -6.09 17.13 -3.14
N PRO A 480 -5.90 17.68 -1.93
CA PRO A 480 -4.55 18.11 -1.55
C PRO A 480 -3.59 16.97 -1.32
N ALA A 481 -4.08 15.79 -0.92
CA ALA A 481 -3.19 14.69 -0.60
C ALA A 481 -2.52 14.12 -1.83
N ILE A 482 -3.17 14.18 -2.99
CA ILE A 482 -2.62 13.64 -4.22
C ILE A 482 -2.24 14.76 -5.20
N HIS A 483 -2.11 15.98 -4.70
CA HIS A 483 -1.87 17.13 -5.57
C HIS A 483 -0.58 16.96 -6.36
N SER A 484 0.48 16.48 -5.72
CA SER A 484 1.77 16.36 -6.40
C SER A 484 1.81 15.20 -7.39
N TYR A 485 0.77 14.38 -7.46
CA TYR A 485 0.73 13.23 -8.37
C TYR A 485 -0.22 13.45 -9.53
N LYS A 486 -0.82 14.62 -9.66
CA LYS A 486 -1.76 14.90 -10.74
C LYS A 486 -1.13 14.81 -12.13
N ASP A 487 0.17 14.51 -12.24
CA ASP A 487 0.80 14.23 -13.52
C ASP A 487 1.06 12.74 -13.74
N CYS A 488 0.77 11.88 -12.75
CA CYS A 488 1.01 10.45 -12.85
C CYS A 488 -0.28 9.63 -12.83
N LEU A 489 -1.43 10.28 -12.99
CA LEU A 489 -2.73 9.65 -12.81
C LEU A 489 -3.33 9.09 -14.08
N ALA A 490 -2.68 9.27 -15.24
CA ALA A 490 -3.28 8.86 -16.50
C ALA A 490 -3.17 7.37 -16.74
N LEU A 491 -2.13 6.72 -16.21
CA LEU A 491 -1.84 5.34 -16.54
C LEU A 491 -2.89 4.41 -15.94
N ASN A 492 -3.62 3.70 -16.81
CA ASN A 492 -4.60 2.73 -16.35
C ASN A 492 -3.92 1.42 -15.96
N SER A 493 -4.63 0.63 -15.15
CA SER A 493 -4.10 -0.61 -14.60
C SER A 493 -4.74 -1.78 -15.34
N ASN A 494 -3.94 -2.45 -16.18
CA ASN A 494 -4.41 -3.61 -16.92
C ASN A 494 -4.05 -4.89 -16.18
N ILE A 495 -5.00 -5.82 -16.14
CA ILE A 495 -4.78 -7.14 -15.56
C ILE A 495 -4.89 -8.15 -16.70
N THR A 496 -3.73 -8.61 -17.18
CA THR A 496 -3.69 -9.59 -18.26
C THR A 496 -3.99 -11.00 -17.78
N ILE A 497 -3.75 -11.28 -16.50
CA ILE A 497 -3.89 -12.64 -15.99
C ILE A 497 -4.99 -12.70 -14.93
P AMP B . -4.64 -16.78 -8.59
O1P AMP B . -5.85 -16.07 -8.02
O2P AMP B . -3.83 -17.54 -7.58
O3P AMP B . -3.83 -15.93 -9.54
O5' AMP B . -5.27 -17.92 -9.51
C5' AMP B . -6.63 -17.89 -9.90
C4' AMP B . -6.89 -18.77 -11.10
O4' AMP B . -7.86 -19.79 -10.74
C3' AMP B . -7.46 -18.05 -12.33
O3' AMP B . -6.90 -18.61 -13.51
C2' AMP B . -8.95 -18.37 -12.26
O2' AMP B . -9.63 -18.33 -13.49
C1' AMP B . -8.93 -19.78 -11.66
N9 AMP B . -10.16 -20.16 -10.97
C8 AMP B . -11.31 -19.46 -10.91
N7 AMP B . -12.25 -20.12 -10.19
C5 AMP B . -11.70 -21.27 -9.76
C6 AMP B . -12.14 -22.44 -8.96
N6 AMP B . -13.39 -22.50 -8.43
N1 AMP B . -11.25 -23.42 -8.75
C2 AMP B . -10.01 -23.38 -9.25
N3 AMP B . -9.55 -22.36 -10.00
C4 AMP B . -10.33 -21.30 -10.28
#